data_2JRW
#
_entry.id   2JRW
#
_entity_poly.entity_id   1
_entity_poly.type   'polypeptide(L)'
_entity_poly.pdbx_seq_one_letter_code
;CAEPMTLPENYFSERPYHPPPPC
;
_entity_poly.pdbx_strand_id   A
#
# COMPACT_ATOMS: atom_id res chain seq x y z
N CYS A 1 6.78 -9.07 5.66
CA CYS A 1 6.11 -8.75 4.37
C CYS A 1 7.02 -9.09 3.19
N ALA A 2 6.47 -9.28 2.03
CA ALA A 2 7.30 -9.61 0.84
C ALA A 2 7.50 -8.37 -0.03
N GLU A 3 8.64 -8.25 -0.66
CA GLU A 3 8.89 -7.06 -1.52
C GLU A 3 8.43 -5.79 -0.80
N PRO A 4 9.32 -5.24 -0.02
CA PRO A 4 9.01 -4.01 0.73
C PRO A 4 8.98 -2.80 -0.21
N MET A 5 7.93 -2.04 -0.16
CA MET A 5 7.82 -0.84 -1.05
C MET A 5 6.50 -0.12 -0.84
N THR A 6 6.19 0.23 0.38
CA THR A 6 4.90 0.93 0.66
C THR A 6 5.19 2.32 1.25
N LEU A 7 4.34 3.27 0.95
CA LEU A 7 4.58 4.65 1.46
C LEU A 7 3.26 5.38 1.70
N PRO A 8 3.37 6.46 2.44
CA PRO A 8 2.17 7.30 2.75
C PRO A 8 1.65 7.96 1.47
N GLU A 9 0.45 8.48 1.52
CA GLU A 9 -0.12 9.13 0.31
C GLU A 9 0.14 8.23 -0.91
N ASN A 10 -0.03 6.95 -0.73
CA ASN A 10 0.19 5.98 -1.83
C ASN A 10 0.26 4.56 -1.27
N TYR A 11 -0.64 4.25 -0.38
CA TYR A 11 -0.64 2.88 0.22
C TYR A 11 -1.78 2.73 1.25
N PHE A 12 -2.28 3.82 1.78
CA PHE A 12 -3.38 3.73 2.78
C PHE A 12 -4.49 4.72 2.43
N SER A 13 -5.65 4.25 2.05
CA SER A 13 -6.76 5.18 1.69
C SER A 13 -8.10 4.67 2.23
N GLU A 14 -9.18 5.16 1.71
CA GLU A 14 -10.53 4.70 2.17
C GLU A 14 -11.25 4.00 1.03
N ARG A 15 -10.51 3.25 0.27
CA ARG A 15 -11.11 2.50 -0.88
C ARG A 15 -10.75 1.02 -0.76
N PRO A 16 -11.08 0.23 -1.75
CA PRO A 16 -10.78 -1.22 -1.69
C PRO A 16 -9.26 -1.43 -1.69
N TYR A 17 -8.71 -1.74 -0.55
CA TYR A 17 -7.24 -1.95 -0.43
C TYR A 17 -6.68 -2.67 -1.67
N HIS A 18 -5.89 -1.98 -2.46
CA HIS A 18 -5.31 -2.60 -3.66
C HIS A 18 -4.09 -3.46 -3.29
N PRO A 19 -3.23 -2.91 -2.46
CA PRO A 19 -2.01 -3.64 -2.03
C PRO A 19 -2.36 -4.68 -0.96
N PRO A 20 -1.38 -5.46 -0.60
CA PRO A 20 -1.58 -6.52 0.42
C PRO A 20 -1.83 -5.91 1.80
N PRO A 21 -2.87 -6.40 2.44
CA PRO A 21 -3.25 -5.92 3.79
C PRO A 21 -2.32 -6.45 4.90
N PRO A 22 -1.72 -7.61 4.73
CA PRO A 22 -0.84 -8.15 5.80
C PRO A 22 0.47 -7.36 5.86
N CYS A 23 0.87 -6.76 4.78
CA CYS A 23 2.12 -5.98 4.78
C CYS A 23 1.92 -4.62 5.45
N CYS A 1 7.52 -10.82 -1.68
CA CYS A 1 6.87 -10.44 -0.39
C CYS A 1 7.88 -9.75 0.53
N ALA A 2 8.34 -8.59 0.16
CA ALA A 2 9.32 -7.87 1.01
C ALA A 2 9.19 -6.36 0.81
N GLU A 3 8.73 -5.65 1.81
CA GLU A 3 8.57 -4.18 1.68
C GLU A 3 8.00 -3.59 2.97
N PRO A 4 8.79 -3.62 4.00
CA PRO A 4 8.34 -3.08 5.31
C PRO A 4 8.29 -1.55 5.27
N MET A 5 8.10 -0.92 6.39
CA MET A 5 8.04 0.57 6.42
C MET A 5 7.00 1.07 5.41
N THR A 6 5.75 1.14 5.80
CA THR A 6 4.71 1.63 4.86
C THR A 6 4.71 3.15 4.81
N LEU A 7 4.60 3.71 3.65
CA LEU A 7 4.63 5.19 3.52
C LEU A 7 3.35 5.73 2.90
N PRO A 8 3.24 7.02 2.96
CA PRO A 8 2.05 7.73 2.40
C PRO A 8 2.02 7.60 0.87
N GLU A 9 1.16 8.35 0.23
CA GLU A 9 1.05 8.29 -1.24
C GLU A 9 0.95 6.84 -1.71
N ASN A 10 -0.25 6.36 -1.92
CA ASN A 10 -0.45 4.97 -2.39
C ASN A 10 -0.06 3.96 -1.29
N TYR A 11 -0.86 3.87 -0.26
CA TYR A 11 -0.55 2.91 0.84
C TYR A 11 -1.79 2.74 1.73
N PHE A 12 -2.57 3.77 1.87
CA PHE A 12 -3.78 3.68 2.73
C PHE A 12 -4.76 4.79 2.36
N SER A 13 -6.01 4.46 2.23
CA SER A 13 -7.02 5.51 1.87
C SER A 13 -8.41 5.09 2.36
N GLU A 14 -9.42 5.29 1.57
CA GLU A 14 -10.79 4.89 2.00
C GLU A 14 -11.40 3.94 0.98
N ARG A 15 -10.60 3.03 0.50
CA ARG A 15 -11.09 2.05 -0.51
C ARG A 15 -10.61 0.64 -0.14
N PRO A 16 -11.06 -0.31 -0.90
CA PRO A 16 -10.67 -1.72 -0.66
C PRO A 16 -9.21 -1.96 -1.07
N TYR A 17 -8.30 -1.77 -0.14
CA TYR A 17 -6.83 -1.96 -0.42
C TYR A 17 -6.53 -2.26 -1.89
N HIS A 18 -5.87 -1.37 -2.57
CA HIS A 18 -5.53 -1.59 -3.99
C HIS A 18 -4.32 -2.52 -4.13
N PRO A 19 -3.31 -2.26 -3.36
CA PRO A 19 -2.08 -3.10 -3.42
C PRO A 19 -2.31 -4.43 -2.72
N PRO A 20 -1.56 -5.41 -3.14
CA PRO A 20 -1.68 -6.77 -2.55
C PRO A 20 -1.17 -6.76 -1.10
N PRO A 21 -2.07 -7.06 -0.19
CA PRO A 21 -1.71 -7.08 1.25
C PRO A 21 -0.84 -8.31 1.63
N PRO A 22 -1.00 -9.43 0.94
CA PRO A 22 -0.19 -10.61 1.30
C PRO A 22 1.26 -10.44 0.83
N CYS A 23 1.46 -9.99 -0.38
CA CYS A 23 2.83 -9.80 -0.88
C CYS A 23 2.87 -8.69 -1.94
N CYS A 1 2.40 -5.51 -11.45
CA CYS A 1 3.25 -5.39 -10.23
C CYS A 1 4.52 -4.59 -10.54
N ALA A 2 4.66 -3.44 -9.95
CA ALA A 2 5.88 -2.61 -10.21
C ALA A 2 6.03 -1.54 -9.13
N GLU A 3 6.09 -1.94 -7.90
CA GLU A 3 6.24 -0.96 -6.78
C GLU A 3 7.20 0.17 -7.17
N PRO A 4 6.63 1.28 -7.56
CA PRO A 4 7.45 2.44 -7.96
C PRO A 4 8.02 3.14 -6.71
N MET A 5 8.69 2.40 -5.88
CA MET A 5 9.26 3.00 -4.64
C MET A 5 8.23 3.89 -3.95
N THR A 6 7.12 3.33 -3.55
CA THR A 6 6.07 4.14 -2.88
C THR A 6 6.26 4.10 -1.36
N LEU A 7 5.51 4.88 -0.63
CA LEU A 7 5.68 4.89 0.85
C LEU A 7 4.33 5.23 1.52
N PRO A 8 4.32 5.17 2.83
CA PRO A 8 3.09 5.48 3.60
C PRO A 8 2.71 6.95 3.44
N GLU A 9 2.34 7.32 2.25
CA GLU A 9 1.95 8.72 1.98
C GLU A 9 1.20 8.77 0.64
N ASN A 10 -0.10 8.76 0.68
CA ASN A 10 -0.88 8.76 -0.59
C ASN A 10 -0.51 7.52 -1.40
N TYR A 11 -0.70 6.36 -0.84
CA TYR A 11 -0.36 5.11 -1.56
C TYR A 11 -1.43 4.04 -1.30
N PHE A 12 -2.05 4.06 -0.15
CA PHE A 12 -3.10 3.05 0.15
C PHE A 12 -4.50 3.66 -0.06
N SER A 13 -5.45 2.86 -0.43
CA SER A 13 -6.83 3.38 -0.66
C SER A 13 -7.64 3.33 0.63
N GLU A 14 -8.85 3.79 0.60
CA GLU A 14 -9.70 3.77 1.84
C GLU A 14 -11.10 3.28 1.49
N ARG A 15 -11.19 2.35 0.59
CA ARG A 15 -12.52 1.80 0.20
C ARG A 15 -12.33 0.46 -0.52
N PRO A 16 -11.68 0.51 -1.65
CA PRO A 16 -11.43 -0.72 -2.46
C PRO A 16 -10.44 -1.63 -1.75
N TYR A 17 -9.84 -2.52 -2.48
CA TYR A 17 -8.85 -3.45 -1.88
C TYR A 17 -7.86 -2.67 -1.00
N HIS A 18 -6.94 -3.35 -0.39
CA HIS A 18 -5.95 -2.65 0.46
C HIS A 18 -4.54 -3.05 0.03
N PRO A 19 -3.81 -2.10 -0.50
CA PRO A 19 -2.42 -2.36 -0.96
C PRO A 19 -1.48 -2.59 0.22
N PRO A 20 -1.05 -3.81 0.35
CA PRO A 20 -0.12 -4.18 1.44
C PRO A 20 1.28 -3.61 1.14
N PRO A 21 2.21 -3.82 2.04
CA PRO A 21 3.59 -3.30 1.84
C PRO A 21 4.33 -3.89 0.61
N PRO A 22 3.96 -5.07 0.17
CA PRO A 22 4.64 -5.67 -1.00
C PRO A 22 3.96 -5.22 -2.30
N CYS A 23 4.08 -5.99 -3.35
CA CYS A 23 3.45 -5.61 -4.63
C CYS A 23 1.95 -5.95 -4.61
N CYS A 1 8.52 -8.69 4.11
CA CYS A 1 9.46 -8.22 3.05
C CYS A 1 10.68 -7.55 3.68
N ALA A 2 11.51 -6.93 2.88
CA ALA A 2 12.72 -6.25 3.44
C ALA A 2 12.97 -4.93 2.72
N GLU A 3 12.75 -3.83 3.38
CA GLU A 3 12.98 -2.51 2.73
C GLU A 3 12.08 -2.34 1.51
N PRO A 4 10.80 -2.57 1.73
CA PRO A 4 9.82 -2.44 0.64
C PRO A 4 9.53 -0.97 0.36
N MET A 5 9.94 -0.47 -0.78
CA MET A 5 9.69 0.96 -1.10
C MET A 5 8.21 1.19 -1.41
N THR A 6 7.34 0.80 -0.52
CA THR A 6 5.89 0.99 -0.77
C THR A 6 5.12 0.98 0.55
N LEU A 7 4.39 2.02 0.82
CA LEU A 7 3.61 2.08 2.09
C LEU A 7 2.77 3.36 2.13
N PRO A 8 3.40 4.47 1.84
CA PRO A 8 2.72 5.78 1.83
C PRO A 8 2.19 6.09 0.43
N GLU A 9 1.83 7.32 0.19
CA GLU A 9 1.32 7.70 -1.16
C GLU A 9 0.17 6.77 -1.57
N ASN A 10 -1.04 7.27 -1.55
CA ASN A 10 -2.20 6.42 -1.94
C ASN A 10 -2.12 5.07 -1.22
N TYR A 11 -2.42 5.05 0.05
CA TYR A 11 -2.36 3.78 0.80
C TYR A 11 -3.31 3.83 2.00
N PHE A 12 -3.42 4.97 2.63
CA PHE A 12 -4.33 5.09 3.80
C PHE A 12 -5.56 5.94 3.42
N SER A 13 -6.28 5.53 2.42
CA SER A 13 -7.47 6.31 1.99
C SER A 13 -8.75 5.51 2.30
N GLU A 14 -9.61 5.32 1.32
CA GLU A 14 -10.87 4.56 1.58
C GLU A 14 -11.10 3.55 0.47
N ARG A 15 -10.09 2.82 0.11
CA ARG A 15 -10.22 1.80 -0.97
C ARG A 15 -9.91 0.41 -0.42
N PRO A 16 -10.15 -0.58 -1.22
CA PRO A 16 -9.86 -1.98 -0.81
C PRO A 16 -8.36 -2.24 -0.84
N TYR A 17 -7.59 -1.40 -0.18
CA TYR A 17 -6.11 -1.56 -0.14
C TYR A 17 -5.58 -2.13 -1.46
N HIS A 18 -5.11 -1.27 -2.34
CA HIS A 18 -4.58 -1.75 -3.63
C HIS A 18 -3.17 -2.32 -3.44
N PRO A 19 -2.35 -1.56 -2.76
CA PRO A 19 -0.97 -1.98 -2.49
C PRO A 19 -0.92 -2.96 -1.32
N PRO A 20 0.02 -3.87 -1.38
CA PRO A 20 0.16 -4.89 -0.32
C PRO A 20 0.67 -4.22 0.97
N PRO A 21 0.06 -4.60 2.06
CA PRO A 21 0.44 -4.03 3.37
C PRO A 21 1.81 -4.56 3.89
N PRO A 22 2.18 -5.77 3.51
CA PRO A 22 3.48 -6.30 3.98
C PRO A 22 4.64 -5.66 3.20
N CYS A 23 4.69 -5.87 1.91
CA CYS A 23 5.78 -5.26 1.10
C CYS A 23 5.48 -3.79 0.83
N CYS A 1 7.19 -5.43 0.10
CA CYS A 1 6.47 -6.17 -0.97
C CYS A 1 7.43 -6.52 -2.12
N ALA A 2 6.93 -7.15 -3.15
CA ALA A 2 7.81 -7.53 -4.29
C ALA A 2 8.25 -6.27 -5.06
N GLU A 3 8.93 -5.36 -4.41
CA GLU A 3 9.39 -4.14 -5.11
C GLU A 3 8.28 -3.57 -5.99
N PRO A 4 7.38 -2.87 -5.36
CA PRO A 4 6.24 -2.25 -6.09
C PRO A 4 6.70 -1.02 -6.86
N MET A 5 5.77 -0.24 -7.34
CA MET A 5 6.14 0.99 -8.08
C MET A 5 5.23 2.14 -7.66
N THR A 6 4.98 2.26 -6.39
CA THR A 6 4.10 3.35 -5.89
C THR A 6 4.76 4.04 -4.68
N LEU A 7 4.00 4.83 -3.97
CA LEU A 7 4.57 5.53 -2.78
C LEU A 7 3.74 5.20 -1.53
N PRO A 8 4.43 4.80 -0.49
CA PRO A 8 3.77 4.44 0.79
C PRO A 8 3.19 5.69 1.45
N GLU A 9 2.96 5.64 2.74
CA GLU A 9 2.39 6.82 3.44
C GLU A 9 0.93 6.99 3.08
N ASN A 10 0.49 8.21 3.01
CA ASN A 10 -0.93 8.47 2.67
C ASN A 10 -1.21 8.04 1.22
N TYR A 11 -0.94 6.81 0.88
CA TYR A 11 -1.21 6.34 -0.50
C TYR A 11 -2.33 5.31 -0.45
N PHE A 12 -2.47 4.66 0.66
CA PHE A 12 -3.55 3.64 0.81
C PHE A 12 -4.88 4.36 1.09
N SER A 13 -5.98 3.67 1.02
CA SER A 13 -7.28 4.35 1.28
C SER A 13 -8.29 3.39 1.91
N GLU A 14 -9.54 3.52 1.56
CA GLU A 14 -10.58 2.62 2.14
C GLU A 14 -11.63 2.29 1.07
N ARG A 15 -11.18 1.84 -0.07
CA ARG A 15 -12.14 1.51 -1.17
C ARG A 15 -11.48 0.54 -2.16
N PRO A 16 -10.44 1.01 -2.81
CA PRO A 16 -9.73 0.16 -3.79
C PRO A 16 -8.91 -0.93 -3.06
N TYR A 17 -8.23 -1.76 -3.79
CA TYR A 17 -7.42 -2.84 -3.14
C TYR A 17 -6.73 -2.31 -1.89
N HIS A 18 -6.96 -2.94 -0.76
CA HIS A 18 -6.32 -2.48 0.50
C HIS A 18 -4.87 -2.97 0.57
N PRO A 19 -3.97 -2.03 0.61
CA PRO A 19 -2.52 -2.35 0.67
C PRO A 19 -2.15 -2.93 2.04
N PRO A 20 -1.66 -4.15 2.02
CA PRO A 20 -1.24 -4.84 3.26
C PRO A 20 -0.02 -4.13 3.87
N PRO A 21 0.05 -4.16 5.17
CA PRO A 21 1.17 -3.48 5.89
C PRO A 21 2.52 -4.23 5.73
N PRO A 22 2.50 -5.54 5.63
CA PRO A 22 3.78 -6.27 5.47
C PRO A 22 4.35 -6.02 4.07
N CYS A 23 3.50 -5.99 3.08
CA CYS A 23 3.98 -5.75 1.69
C CYS A 23 4.22 -4.26 1.48
N CYS A 1 -0.79 3.93 -13.80
CA CYS A 1 -0.09 3.65 -12.51
C CYS A 1 1.26 3.00 -12.78
N ALA A 2 2.30 3.46 -12.14
CA ALA A 2 3.65 2.87 -12.37
C ALA A 2 4.64 3.37 -11.32
N GLU A 3 5.09 2.50 -10.44
CA GLU A 3 6.07 2.92 -9.41
C GLU A 3 6.22 1.83 -8.34
N PRO A 4 7.33 1.16 -8.39
CA PRO A 4 7.59 0.06 -7.42
C PRO A 4 7.90 0.65 -6.03
N MET A 5 8.08 -0.18 -5.05
CA MET A 5 8.39 0.33 -3.68
C MET A 5 7.26 1.25 -3.19
N THR A 6 6.18 0.68 -2.74
CA THR A 6 5.05 1.52 -2.26
C THR A 6 5.32 2.01 -0.84
N LEU A 7 4.58 2.99 -0.40
CA LEU A 7 4.80 3.53 0.97
C LEU A 7 3.51 4.17 1.50
N PRO A 8 3.53 4.49 2.77
CA PRO A 8 2.35 5.12 3.42
C PRO A 8 2.11 6.51 2.84
N GLU A 9 1.08 7.19 3.30
CA GLU A 9 0.77 8.55 2.76
C GLU A 9 0.98 8.57 1.25
N ASN A 10 0.69 7.46 0.63
CA ASN A 10 0.85 7.35 -0.85
C ASN A 10 0.56 5.91 -1.27
N TYR A 11 -0.57 5.39 -0.90
CA TYR A 11 -0.92 3.99 -1.27
C TYR A 11 -2.34 3.63 -0.76
N PHE A 12 -2.82 4.30 0.26
CA PHE A 12 -4.18 3.99 0.77
C PHE A 12 -5.21 4.91 0.09
N SER A 13 -6.33 4.38 -0.31
CA SER A 13 -7.35 5.22 -0.99
C SER A 13 -8.69 5.10 -0.25
N GLU A 14 -9.77 4.83 -0.94
CA GLU A 14 -11.09 4.69 -0.27
C GLU A 14 -11.59 3.27 -0.44
N ARG A 15 -10.70 2.34 -0.32
CA ARG A 15 -11.05 0.90 -0.48
C ARG A 15 -10.39 0.08 0.65
N PRO A 16 -10.75 -1.17 0.75
CA PRO A 16 -10.16 -2.03 1.80
C PRO A 16 -8.67 -2.22 1.55
N TYR A 17 -7.92 -1.15 1.54
CA TYR A 17 -6.45 -1.23 1.29
C TYR A 17 -6.16 -2.28 0.21
N HIS A 18 -6.30 -1.90 -1.03
CA HIS A 18 -6.02 -2.85 -2.13
C HIS A 18 -4.93 -2.33 -3.09
N PRO A 19 -4.02 -1.51 -2.59
CA PRO A 19 -2.95 -0.98 -3.47
C PRO A 19 -1.91 -2.07 -3.76
N PRO A 20 -1.85 -2.46 -5.00
CA PRO A 20 -0.89 -3.51 -5.42
C PRO A 20 0.55 -2.98 -5.31
N PRO A 21 1.49 -3.88 -5.13
CA PRO A 21 2.90 -3.48 -4.98
C PRO A 21 3.51 -2.94 -6.30
N PRO A 22 3.11 -3.46 -7.43
CA PRO A 22 3.67 -2.95 -8.71
C PRO A 22 3.16 -1.53 -8.98
N CYS A 23 1.90 -1.36 -9.27
CA CYS A 23 1.36 -0.01 -9.53
C CYS A 23 1.10 0.72 -8.22
N CYS A 1 8.62 -11.27 -3.01
CA CYS A 1 7.61 -10.77 -2.03
C CYS A 1 7.98 -11.21 -0.61
N ALA A 2 8.58 -10.35 0.16
CA ALA A 2 8.96 -10.73 1.54
C ALA A 2 9.18 -9.48 2.40
N GLU A 3 8.97 -9.58 3.69
CA GLU A 3 9.16 -8.40 4.58
C GLU A 3 8.18 -7.29 4.21
N PRO A 4 7.14 -7.19 5.00
CA PRO A 4 6.11 -6.15 4.78
C PRO A 4 6.64 -4.77 5.16
N MET A 5 6.18 -3.74 4.49
CA MET A 5 6.65 -2.37 4.80
C MET A 5 6.02 -1.37 3.83
N THR A 6 4.89 -0.83 4.17
CA THR A 6 4.22 0.14 3.25
C THR A 6 4.73 1.56 3.51
N LEU A 7 4.22 2.51 2.77
CA LEU A 7 4.69 3.91 2.95
C LEU A 7 3.52 4.88 2.68
N PRO A 8 3.73 6.12 3.05
CA PRO A 8 2.69 7.16 2.86
C PRO A 8 2.52 7.48 1.37
N GLU A 9 1.62 8.38 1.05
CA GLU A 9 1.38 8.73 -0.37
C GLU A 9 0.99 7.48 -1.16
N ASN A 10 -0.21 7.44 -1.68
CA ASN A 10 -0.65 6.25 -2.46
C ASN A 10 -0.40 4.98 -1.65
N TYR A 11 -1.27 4.68 -0.72
CA TYR A 11 -1.09 3.46 0.11
C TYR A 11 -2.26 3.30 1.07
N PHE A 12 -2.81 4.40 1.53
CA PHE A 12 -3.96 4.33 2.48
C PHE A 12 -5.03 5.36 2.09
N SER A 13 -6.22 4.91 1.85
CA SER A 13 -7.31 5.85 1.46
C SER A 13 -8.65 5.39 2.04
N GLU A 14 -9.69 5.41 1.26
CA GLU A 14 -11.02 4.95 1.77
C GLU A 14 -11.58 3.88 0.84
N ARG A 15 -10.74 2.97 0.44
CA ARG A 15 -11.18 1.87 -0.47
C ARG A 15 -10.58 0.54 -0.02
N PRO A 16 -10.89 -0.50 -0.74
CA PRO A 16 -10.37 -1.85 -0.40
C PRO A 16 -8.88 -1.93 -0.72
N TYR A 17 -8.08 -2.41 0.20
CA TYR A 17 -6.62 -2.51 -0.05
C TYR A 17 -6.35 -3.01 -1.46
N HIS A 18 -5.99 -2.12 -2.36
CA HIS A 18 -5.70 -2.53 -3.75
C HIS A 18 -4.29 -3.11 -3.90
N PRO A 19 -3.34 -2.46 -3.30
CA PRO A 19 -1.93 -2.93 -3.39
C PRO A 19 -1.69 -4.15 -2.49
N PRO A 20 -0.87 -5.03 -2.98
CA PRO A 20 -0.55 -6.28 -2.24
C PRO A 20 0.30 -5.96 -1.00
N PRO A 21 -0.23 -6.30 0.14
CA PRO A 21 0.49 -6.05 1.41
C PRO A 21 1.68 -7.02 1.61
N PRO A 22 1.61 -8.22 1.07
CA PRO A 22 2.74 -9.17 1.26
C PRO A 22 3.92 -8.80 0.35
N CYS A 23 3.64 -8.46 -0.88
CA CYS A 23 4.73 -8.10 -1.81
C CYS A 23 5.20 -6.66 -1.57
N CYS A 1 9.94 -4.26 0.88
CA CYS A 1 9.49 -4.10 2.29
C CYS A 1 9.86 -2.71 2.80
N ALA A 2 8.91 -1.82 2.87
CA ALA A 2 9.20 -0.45 3.36
C ALA A 2 10.25 0.22 2.48
N GLU A 3 10.23 1.52 2.37
CA GLU A 3 11.23 2.23 1.53
C GLU A 3 11.10 3.74 1.71
N PRO A 4 12.20 4.42 1.48
CA PRO A 4 12.22 5.90 1.61
C PRO A 4 11.61 6.57 0.37
N MET A 5 10.97 7.69 0.56
CA MET A 5 10.36 8.39 -0.61
C MET A 5 9.60 7.41 -1.51
N THR A 6 8.63 6.73 -0.98
CA THR A 6 7.86 5.77 -1.81
C THR A 6 6.43 6.24 -2.01
N LEU A 7 5.72 5.65 -2.92
CA LEU A 7 4.32 6.05 -3.16
C LEU A 7 3.41 5.55 -2.02
N PRO A 8 3.55 4.29 -1.69
CA PRO A 8 2.75 3.70 -0.61
C PRO A 8 3.22 4.21 0.75
N GLU A 9 2.48 5.09 1.34
CA GLU A 9 2.84 5.66 2.66
C GLU A 9 1.82 6.74 3.02
N ASN A 10 0.77 6.38 3.71
CA ASN A 10 -0.27 7.37 4.03
C ASN A 10 -0.93 7.82 2.73
N TYR A 11 -1.14 6.88 1.85
CA TYR A 11 -1.76 7.18 0.54
C TYR A 11 -2.96 6.26 0.29
N PHE A 12 -3.01 5.13 0.94
CA PHE A 12 -4.16 4.19 0.73
C PHE A 12 -5.37 4.64 1.56
N SER A 13 -6.55 4.39 1.09
CA SER A 13 -7.77 4.79 1.86
C SER A 13 -8.52 3.54 2.35
N GLU A 14 -9.81 3.48 2.13
CA GLU A 14 -10.59 2.29 2.59
C GLU A 14 -11.69 1.98 1.58
N ARG A 15 -11.34 1.87 0.33
CA ARG A 15 -12.37 1.56 -0.71
C ARG A 15 -11.77 0.68 -1.81
N PRO A 16 -10.84 1.23 -2.56
CA PRO A 16 -10.20 0.46 -3.66
C PRO A 16 -9.33 -0.66 -3.09
N TYR A 17 -8.48 -1.22 -3.91
CA TYR A 17 -7.60 -2.31 -3.43
C TYR A 17 -6.90 -1.89 -2.13
N HIS A 18 -6.02 -2.71 -1.62
CA HIS A 18 -5.32 -2.34 -0.38
C HIS A 18 -3.90 -2.92 -0.37
N PRO A 19 -2.94 -2.05 -0.17
CA PRO A 19 -1.52 -2.48 -0.15
C PRO A 19 -1.23 -3.31 1.11
N PRO A 20 -0.16 -4.07 1.04
CA PRO A 20 0.24 -4.92 2.18
C PRO A 20 0.74 -4.05 3.33
N PRO A 21 0.22 -4.32 4.51
CA PRO A 21 0.61 -3.53 5.70
C PRO A 21 2.03 -3.88 6.21
N PRO A 22 2.50 -5.10 5.99
CA PRO A 22 3.85 -5.45 6.46
C PRO A 22 4.91 -4.85 5.54
N CYS A 23 5.30 -5.55 4.51
CA CYS A 23 6.33 -5.01 3.59
C CYS A 23 5.67 -4.09 2.55
N CYS A 1 7.25 -10.69 -4.08
CA CYS A 1 6.48 -9.82 -3.15
C CYS A 1 6.59 -10.34 -1.71
N ALA A 2 7.49 -9.77 -0.94
CA ALA A 2 7.65 -10.23 0.47
C ALA A 2 8.15 -9.08 1.35
N GLU A 3 8.65 -9.39 2.51
CA GLU A 3 9.15 -8.33 3.42
C GLU A 3 8.02 -7.34 3.76
N PRO A 4 7.58 -7.40 4.98
CA PRO A 4 6.48 -6.50 5.44
C PRO A 4 7.02 -5.08 5.65
N MET A 5 6.39 -4.10 5.07
CA MET A 5 6.85 -2.70 5.25
C MET A 5 6.04 -1.75 4.37
N THR A 6 4.96 -1.22 4.86
CA THR A 6 4.13 -0.30 4.05
C THR A 6 4.63 1.13 4.22
N LEU A 7 4.15 2.03 3.40
CA LEU A 7 4.60 3.43 3.50
C LEU A 7 3.52 4.40 2.98
N PRO A 8 3.72 5.65 3.27
CA PRO A 8 2.75 6.70 2.84
C PRO A 8 2.82 6.88 1.31
N GLU A 9 2.28 7.96 0.83
CA GLU A 9 2.30 8.20 -0.64
C GLU A 9 1.58 7.05 -1.36
N ASN A 10 0.38 7.29 -1.82
CA ASN A 10 -0.37 6.21 -2.51
C ASN A 10 -0.44 4.97 -1.60
N TYR A 11 -1.27 5.02 -0.59
CA TYR A 11 -1.38 3.86 0.33
C TYR A 11 -2.66 3.96 1.19
N PHE A 12 -3.05 5.16 1.54
CA PHE A 12 -4.27 5.32 2.38
C PHE A 12 -5.40 5.92 1.53
N SER A 13 -6.59 5.38 1.62
CA SER A 13 -7.72 5.93 0.82
C SER A 13 -9.06 5.51 1.44
N GLU A 14 -9.95 4.96 0.66
CA GLU A 14 -11.28 4.54 1.22
C GLU A 14 -11.71 3.21 0.58
N ARG A 15 -10.83 2.25 0.57
CA ARG A 15 -11.18 0.94 -0.03
C ARG A 15 -10.36 -0.17 0.65
N PRO A 16 -10.62 -1.38 0.24
CA PRO A 16 -9.89 -2.54 0.81
C PRO A 16 -8.46 -2.60 0.26
N TYR A 17 -7.74 -1.51 0.37
CA TYR A 17 -6.34 -1.47 -0.14
C TYR A 17 -6.16 -2.34 -1.39
N HIS A 18 -6.25 -1.75 -2.55
CA HIS A 18 -6.09 -2.54 -3.80
C HIS A 18 -4.61 -2.81 -4.09
N PRO A 19 -3.78 -1.81 -3.88
CA PRO A 19 -2.33 -1.97 -4.13
C PRO A 19 -1.69 -2.74 -2.97
N PRO A 20 -0.95 -3.75 -3.33
CA PRO A 20 -0.26 -4.59 -2.32
C PRO A 20 0.81 -3.79 -1.57
N PRO A 21 0.88 -3.99 -0.29
CA PRO A 21 1.87 -3.29 0.55
C PRO A 21 3.30 -3.83 0.37
N PRO A 22 3.46 -5.10 0.04
CA PRO A 22 4.83 -5.64 -0.14
C PRO A 22 5.49 -5.07 -1.41
N CYS A 23 5.41 -5.79 -2.51
CA CYS A 23 6.04 -5.28 -3.76
C CYS A 23 5.13 -4.23 -4.40
N CYS A 1 4.97 -5.61 12.14
CA CYS A 1 6.04 -5.35 11.12
C CYS A 1 5.89 -3.95 10.55
N ALA A 2 6.99 -3.34 10.16
CA ALA A 2 6.92 -1.95 9.60
C ALA A 2 8.11 -1.69 8.69
N GLU A 3 8.34 -0.45 8.34
CA GLU A 3 9.49 -0.12 7.46
C GLU A 3 9.59 1.40 7.26
N PRO A 4 10.79 1.91 7.42
CA PRO A 4 11.03 3.35 7.28
C PRO A 4 11.04 3.76 5.79
N MET A 5 10.95 5.04 5.53
CA MET A 5 10.95 5.52 4.12
C MET A 5 10.02 4.66 3.25
N THR A 6 8.74 4.79 3.44
CA THR A 6 7.78 3.99 2.62
C THR A 6 7.27 4.81 1.44
N LEU A 7 6.98 4.17 0.34
CA LEU A 7 6.47 4.92 -0.85
C LEU A 7 4.97 5.21 -0.71
N PRO A 8 4.22 4.22 -0.30
CA PRO A 8 2.76 4.39 -0.14
C PRO A 8 2.45 5.16 1.13
N GLU A 9 3.06 6.29 1.32
CA GLU A 9 2.79 7.10 2.53
C GLU A 9 1.45 7.81 2.37
N ASN A 10 0.40 7.24 2.89
CA ASN A 10 -0.94 7.88 2.75
C ASN A 10 -1.30 7.93 1.27
N TYR A 11 -1.17 6.82 0.60
CA TYR A 11 -1.49 6.77 -0.85
C TYR A 11 -2.62 5.76 -1.09
N PHE A 12 -2.91 4.96 -0.11
CA PHE A 12 -3.98 3.94 -0.25
C PHE A 12 -5.34 4.55 0.11
N SER A 13 -6.35 3.72 0.21
CA SER A 13 -7.71 4.24 0.56
C SER A 13 -8.40 3.28 1.54
N GLU A 14 -9.70 3.33 1.62
CA GLU A 14 -10.42 2.42 2.56
C GLU A 14 -11.59 1.75 1.84
N ARG A 15 -11.37 1.30 0.64
CA ARG A 15 -12.46 0.64 -0.13
C ARG A 15 -11.87 -0.19 -1.28
N PRO A 16 -11.24 0.48 -2.21
CA PRO A 16 -10.63 -0.21 -3.37
C PRO A 16 -9.38 -0.97 -2.93
N TYR A 17 -8.56 -1.33 -3.86
CA TYR A 17 -7.31 -2.06 -3.52
C TYR A 17 -6.68 -1.45 -2.26
N HIS A 18 -6.62 -2.18 -1.19
CA HIS A 18 -6.03 -1.64 0.05
C HIS A 18 -4.77 -2.42 0.44
N PRO A 19 -3.64 -1.78 0.30
CA PRO A 19 -2.35 -2.42 0.63
C PRO A 19 -2.15 -2.51 2.15
N PRO A 20 -1.38 -3.47 2.56
CA PRO A 20 -1.10 -3.68 4.00
C PRO A 20 -0.22 -2.56 4.55
N PRO A 21 -0.80 -1.76 5.41
CA PRO A 21 -0.07 -0.63 6.02
C PRO A 21 0.97 -1.09 7.07
N PRO A 22 0.73 -2.20 7.75
CA PRO A 22 1.70 -2.65 8.78
C PRO A 22 2.94 -3.26 8.11
N CYS A 23 2.78 -4.37 7.43
CA CYS A 23 3.94 -5.00 6.77
C CYS A 23 4.28 -4.28 5.46
N CYS A 1 7.80 -8.07 -8.09
CA CYS A 1 7.98 -6.62 -7.76
C CYS A 1 9.36 -6.38 -7.18
N ALA A 2 9.77 -5.14 -7.06
CA ALA A 2 11.11 -4.84 -6.50
C ALA A 2 11.13 -3.43 -5.92
N GLU A 3 12.29 -2.92 -5.61
CA GLU A 3 12.38 -1.55 -5.04
C GLU A 3 11.50 -1.45 -3.79
N PRO A 4 11.86 -2.19 -2.79
CA PRO A 4 11.10 -2.19 -1.52
C PRO A 4 11.30 -0.87 -0.78
N MET A 5 10.43 0.08 -1.01
CA MET A 5 10.56 1.40 -0.34
C MET A 5 9.37 2.29 -0.69
N THR A 6 8.19 1.78 -0.57
CA THR A 6 6.97 2.59 -0.89
C THR A 6 5.75 2.02 -0.16
N LEU A 7 5.38 2.64 0.92
CA LEU A 7 4.23 2.14 1.70
C LEU A 7 3.05 3.16 1.72
N PRO A 8 3.35 4.37 2.13
CA PRO A 8 2.31 5.41 2.22
C PRO A 8 2.09 6.08 0.85
N GLU A 9 1.45 7.21 0.85
CA GLU A 9 1.18 7.91 -0.45
C GLU A 9 0.27 7.04 -1.31
N ASN A 10 -1.00 7.35 -1.34
CA ASN A 10 -1.93 6.51 -2.14
C ASN A 10 -1.92 5.09 -1.60
N TYR A 11 -2.50 4.88 -0.44
CA TYR A 11 -2.52 3.53 0.15
C TYR A 11 -3.48 3.47 1.36
N PHE A 12 -3.63 4.55 2.07
CA PHE A 12 -4.55 4.55 3.24
C PHE A 12 -5.57 5.68 3.11
N SER A 13 -6.62 5.47 2.37
CA SER A 13 -7.65 6.53 2.21
C SER A 13 -9.06 5.93 2.26
N GLU A 14 -9.54 5.44 1.17
CA GLU A 14 -10.91 4.82 1.15
C GLU A 14 -10.99 3.77 0.05
N ARG A 15 -10.07 2.85 0.04
CA ARG A 15 -10.09 1.78 -1.00
C ARG A 15 -9.81 0.42 -0.36
N PRO A 16 -10.08 -0.61 -1.09
CA PRO A 16 -9.85 -1.99 -0.59
C PRO A 16 -8.35 -2.29 -0.57
N TYR A 17 -7.58 -1.47 0.10
CA TYR A 17 -6.11 -1.69 0.17
C TYR A 17 -5.57 -2.20 -1.16
N HIS A 18 -5.22 -1.31 -2.04
CA HIS A 18 -4.68 -1.72 -3.36
C HIS A 18 -3.20 -2.11 -3.28
N PRO A 19 -2.45 -1.41 -2.45
CA PRO A 19 -1.00 -1.70 -2.33
C PRO A 19 -0.76 -2.95 -1.47
N PRO A 20 -0.23 -3.96 -2.10
CA PRO A 20 0.08 -5.24 -1.40
C PRO A 20 1.19 -5.01 -0.37
N PRO A 21 1.19 -5.83 0.66
CA PRO A 21 2.21 -5.70 1.73
C PRO A 21 3.62 -6.12 1.26
N PRO A 22 3.73 -7.10 0.39
CA PRO A 22 5.07 -7.52 -0.09
C PRO A 22 5.64 -6.46 -1.05
N CYS A 23 4.95 -6.22 -2.15
CA CYS A 23 5.44 -5.20 -3.12
C CYS A 23 5.03 -3.80 -2.68
N CYS A 1 3.90 -10.82 -2.38
CA CYS A 1 3.95 -9.34 -2.23
C CYS A 1 3.48 -8.65 -3.51
N ALA A 2 2.57 -7.73 -3.40
CA ALA A 2 2.06 -7.01 -4.60
C ALA A 2 2.97 -5.83 -4.93
N GLU A 3 3.58 -5.83 -6.09
CA GLU A 3 4.47 -4.71 -6.46
C GLU A 3 5.44 -4.41 -5.31
N PRO A 4 6.57 -5.07 -5.35
CA PRO A 4 7.60 -4.87 -4.30
C PRO A 4 8.23 -3.48 -4.41
N MET A 5 7.49 -2.46 -4.10
CA MET A 5 8.03 -1.07 -4.18
C MET A 5 6.92 -0.07 -3.88
N THR A 6 6.15 -0.33 -2.86
CA THR A 6 5.06 0.60 -2.49
C THR A 6 5.48 1.46 -1.29
N LEU A 7 4.78 2.51 -1.02
CA LEU A 7 5.16 3.38 0.11
C LEU A 7 3.93 4.08 0.71
N PRO A 8 4.15 4.72 1.83
CA PRO A 8 3.07 5.46 2.52
C PRO A 8 2.70 6.73 1.75
N GLU A 9 1.95 7.60 2.37
CA GLU A 9 1.55 8.86 1.69
C GLU A 9 0.84 8.55 0.37
N ASN A 10 -0.44 8.83 0.29
CA ASN A 10 -1.18 8.55 -0.97
C ASN A 10 -0.81 7.16 -1.50
N TYR A 11 -1.38 6.13 -0.94
CA TYR A 11 -1.09 4.76 -1.41
C TYR A 11 -2.13 3.78 -0.87
N PHE A 12 -2.59 4.00 0.33
CA PHE A 12 -3.62 3.10 0.92
C PHE A 12 -4.87 3.91 1.29
N SER A 13 -5.88 3.86 0.47
CA SER A 13 -7.12 4.64 0.76
C SER A 13 -8.08 3.82 1.63
N GLU A 14 -9.36 4.02 1.47
CA GLU A 14 -10.35 3.25 2.28
C GLU A 14 -11.50 2.80 1.39
N ARG A 15 -11.18 2.23 0.25
CA ARG A 15 -12.24 1.75 -0.67
C ARG A 15 -11.70 0.58 -1.51
N PRO A 16 -10.72 0.86 -2.34
CA PRO A 16 -10.13 -0.20 -3.18
C PRO A 16 -9.27 -1.12 -2.32
N TYR A 17 -8.66 -2.12 -2.91
CA TYR A 17 -7.81 -3.04 -2.11
C TYR A 17 -6.94 -2.24 -1.14
N HIS A 18 -6.45 -2.87 -0.11
CA HIS A 18 -5.59 -2.15 0.86
C HIS A 18 -4.15 -2.67 0.78
N PRO A 19 -3.29 -1.86 0.23
CA PRO A 19 -1.87 -2.25 0.07
C PRO A 19 -1.13 -2.23 1.40
N PRO A 20 -0.63 -3.37 1.79
CA PRO A 20 0.13 -3.50 3.05
C PRO A 20 1.47 -2.77 2.94
N PRO A 21 1.86 -2.12 4.00
CA PRO A 21 3.13 -1.35 4.00
C PRO A 21 4.38 -2.27 4.06
N PRO A 22 4.27 -3.43 4.68
CA PRO A 22 5.45 -4.33 4.75
C PRO A 22 5.73 -4.98 3.38
N CYS A 23 5.00 -6.00 3.03
CA CYS A 23 5.23 -6.65 1.72
C CYS A 23 3.99 -7.44 1.29
N CYS A 1 11.67 -1.77 2.38
CA CYS A 1 10.70 -2.61 1.62
C CYS A 1 11.35 -3.13 0.33
N ALA A 2 10.94 -4.28 -0.13
CA ALA A 2 11.53 -4.84 -1.37
C ALA A 2 10.64 -4.53 -2.57
N GLU A 3 11.14 -4.72 -3.76
CA GLU A 3 10.30 -4.42 -4.97
C GLU A 3 9.81 -2.98 -4.92
N PRO A 4 9.33 -2.53 -6.05
CA PRO A 4 8.80 -1.14 -6.15
C PRO A 4 7.45 -1.03 -5.45
N MET A 5 6.75 0.05 -5.66
CA MET A 5 5.43 0.23 -5.01
C MET A 5 5.61 0.42 -3.50
N THR A 6 5.59 1.64 -3.03
CA THR A 6 5.76 1.88 -1.56
C THR A 6 4.44 1.63 -0.83
N LEU A 7 4.47 1.66 0.47
CA LEU A 7 3.23 1.41 1.26
C LEU A 7 2.40 2.70 1.40
N PRO A 8 3.07 3.76 1.75
CA PRO A 8 2.37 5.06 1.94
C PRO A 8 2.08 5.70 0.58
N GLU A 9 1.67 6.95 0.58
CA GLU A 9 1.36 7.63 -0.71
C GLU A 9 0.23 6.91 -1.43
N ASN A 10 -0.98 7.38 -1.29
CA ASN A 10 -2.14 6.72 -1.96
C ASN A 10 -2.22 5.25 -1.52
N TYR A 11 -2.67 5.02 -0.32
CA TYR A 11 -2.78 3.62 0.18
C TYR A 11 -3.82 3.54 1.30
N PHE A 12 -3.87 4.56 2.13
CA PHE A 12 -4.86 4.55 3.26
C PHE A 12 -5.84 5.73 3.09
N SER A 13 -7.02 5.47 2.60
CA SER A 13 -8.00 6.58 2.41
C SER A 13 -9.43 6.03 2.36
N GLU A 14 -9.91 5.70 1.20
CA GLU A 14 -11.30 5.17 1.08
C GLU A 14 -11.35 4.03 0.07
N ARG A 15 -10.46 3.10 0.18
CA ARG A 15 -10.44 1.95 -0.77
C ARG A 15 -9.69 0.76 -0.16
N PRO A 16 -9.82 -0.38 -0.79
CA PRO A 16 -9.14 -1.59 -0.29
C PRO A 16 -7.63 -1.47 -0.50
N TYR A 17 -6.86 -1.92 0.45
CA TYR A 17 -5.38 -1.81 0.32
C TYR A 17 -4.94 -2.14 -1.12
N HIS A 18 -4.54 -1.14 -1.85
CA HIS A 18 -4.09 -1.36 -3.25
C HIS A 18 -2.66 -1.91 -3.28
N PRO A 19 -1.80 -1.30 -2.49
CA PRO A 19 -0.38 -1.73 -2.45
C PRO A 19 -0.23 -3.04 -1.65
N PRO A 20 0.96 -3.55 -1.67
CA PRO A 20 1.27 -4.82 -0.94
C PRO A 20 1.16 -4.62 0.57
N PRO A 21 0.57 -5.59 1.22
CA PRO A 21 0.39 -5.52 2.69
C PRO A 21 1.71 -5.78 3.47
N PRO A 22 2.62 -6.56 2.91
CA PRO A 22 3.88 -6.83 3.64
C PRO A 22 4.79 -5.59 3.62
N CYS A 23 4.67 -4.77 2.62
CA CYS A 23 5.51 -3.55 2.53
C CYS A 23 4.96 -2.46 3.44
N CYS A 1 -0.17 -13.01 -6.71
CA CYS A 1 0.33 -11.65 -6.36
C CYS A 1 -0.48 -10.59 -7.09
N ALA A 2 -0.68 -9.45 -6.47
CA ALA A 2 -1.47 -8.38 -7.14
C ALA A 2 -0.52 -7.37 -7.82
N GLU A 3 -0.99 -6.66 -8.80
CA GLU A 3 -0.11 -5.67 -9.50
C GLU A 3 0.74 -4.91 -8.48
N PRO A 4 2.03 -5.09 -8.59
CA PRO A 4 2.98 -4.41 -7.67
C PRO A 4 3.05 -2.91 -7.97
N MET A 5 4.10 -2.28 -7.51
CA MET A 5 4.27 -0.81 -7.74
C MET A 5 3.35 -0.01 -6.81
N THR A 6 3.36 -0.35 -5.55
CA THR A 6 2.49 0.39 -4.58
C THR A 6 3.33 0.86 -3.39
N LEU A 7 2.88 1.88 -2.71
CA LEU A 7 3.65 2.39 -1.57
C LEU A 7 2.76 3.14 -0.58
N PRO A 8 3.29 3.40 0.58
CA PRO A 8 2.53 4.11 1.65
C PRO A 8 2.33 5.57 1.27
N GLU A 9 1.99 6.40 2.21
CA GLU A 9 1.78 7.84 1.91
C GLU A 9 0.71 7.99 0.83
N ASN A 10 -0.50 8.27 1.21
CA ASN A 10 -1.59 8.41 0.20
C ASN A 10 -1.82 7.06 -0.50
N TYR A 11 -2.10 6.04 0.27
CA TYR A 11 -2.34 4.71 -0.34
C TYR A 11 -3.53 4.02 0.33
N PHE A 12 -3.69 4.21 1.61
CA PHE A 12 -4.83 3.58 2.33
C PHE A 12 -5.85 4.67 2.73
N SER A 13 -6.84 4.90 1.93
CA SER A 13 -7.84 5.96 2.27
C SER A 13 -9.24 5.58 1.78
N GLU A 14 -9.43 5.44 0.50
CA GLU A 14 -10.77 5.08 -0.03
C GLU A 14 -10.67 3.88 -0.96
N ARG A 15 -9.91 2.91 -0.56
CA ARG A 15 -9.75 1.69 -1.41
C ARG A 15 -9.61 0.44 -0.52
N PRO A 16 -9.92 -0.69 -1.10
CA PRO A 16 -9.83 -1.97 -0.35
C PRO A 16 -8.35 -2.32 -0.14
N TYR A 17 -7.62 -1.45 0.50
CA TYR A 17 -6.17 -1.70 0.73
C TYR A 17 -5.55 -2.31 -0.53
N HIS A 18 -5.31 -1.49 -1.51
CA HIS A 18 -4.72 -2.00 -2.77
C HIS A 18 -3.18 -2.23 -2.67
N PRO A 19 -2.53 -1.61 -1.70
CA PRO A 19 -1.07 -1.79 -1.53
C PRO A 19 -0.73 -2.91 -0.52
N PRO A 20 -0.81 -4.15 -0.95
CA PRO A 20 -0.47 -5.28 -0.05
C PRO A 20 1.03 -5.27 0.25
N PRO A 21 1.37 -5.62 1.46
CA PRO A 21 2.79 -5.64 1.86
C PRO A 21 3.56 -6.81 1.21
N PRO A 22 2.91 -7.93 0.96
CA PRO A 22 3.61 -9.07 0.32
C PRO A 22 3.86 -8.78 -1.16
N CYS A 23 2.94 -9.14 -2.01
CA CYS A 23 3.12 -8.87 -3.46
C CYS A 23 2.43 -7.56 -3.85
N CYS A 1 4.33 -9.69 7.85
CA CYS A 1 5.35 -10.64 8.40
C CYS A 1 6.02 -10.04 9.64
N ALA A 2 5.24 -9.68 10.62
CA ALA A 2 5.82 -9.10 11.86
C ALA A 2 6.77 -7.94 11.52
N GLU A 3 6.27 -6.96 10.80
CA GLU A 3 7.13 -5.80 10.44
C GLU A 3 6.34 -4.78 9.62
N PRO A 4 6.06 -3.67 10.25
CA PRO A 4 5.28 -2.59 9.57
C PRO A 4 6.14 -1.89 8.51
N MET A 5 5.55 -1.54 7.40
CA MET A 5 6.32 -0.85 6.33
C MET A 5 5.46 -0.70 5.08
N THR A 6 4.45 0.13 5.13
CA THR A 6 3.56 0.32 3.95
C THR A 6 3.95 1.58 3.20
N LEU A 7 3.95 1.51 1.90
CA LEU A 7 4.31 2.70 1.09
C LEU A 7 3.26 3.81 1.24
N PRO A 8 3.72 4.95 1.64
CA PRO A 8 2.80 6.11 1.83
C PRO A 8 2.27 6.60 0.48
N GLU A 9 1.65 7.75 0.46
CA GLU A 9 1.10 8.28 -0.82
C GLU A 9 0.10 7.30 -1.43
N ASN A 10 -1.15 7.67 -1.46
CA ASN A 10 -2.20 6.77 -2.05
C ASN A 10 -1.94 5.31 -1.60
N TYR A 11 -2.14 5.03 -0.35
CA TYR A 11 -1.93 3.65 0.14
C TYR A 11 -2.90 3.34 1.28
N PHE A 12 -3.17 4.30 2.12
CA PHE A 12 -4.12 4.07 3.25
C PHE A 12 -5.29 5.06 3.17
N SER A 13 -6.44 4.59 2.79
CA SER A 13 -7.62 5.51 2.69
C SER A 13 -8.92 4.72 2.80
N GLU A 14 -9.91 5.06 2.03
CA GLU A 14 -11.20 4.32 2.09
C GLU A 14 -11.44 3.60 0.77
N ARG A 15 -10.39 3.09 0.19
CA ARG A 15 -10.52 2.37 -1.10
C ARG A 15 -10.19 0.89 -0.90
N PRO A 16 -10.28 0.14 -1.96
CA PRO A 16 -9.99 -1.31 -1.91
C PRO A 16 -8.48 -1.54 -1.73
N TYR A 17 -7.93 -1.07 -0.63
CA TYR A 17 -6.47 -1.23 -0.33
C TYR A 17 -5.70 -1.92 -1.47
N HIS A 18 -4.82 -1.20 -2.12
CA HIS A 18 -4.05 -1.81 -3.24
C HIS A 18 -2.90 -2.67 -2.70
N PRO A 19 -2.10 -2.07 -1.86
CA PRO A 19 -0.95 -2.79 -1.28
C PRO A 19 -1.42 -3.77 -0.21
N PRO A 20 -0.65 -4.80 -0.01
CA PRO A 20 -0.99 -5.84 1.00
C PRO A 20 -0.88 -5.26 2.41
N PRO A 21 -2.00 -5.24 3.09
CA PRO A 21 -2.03 -4.71 4.47
C PRO A 21 -1.36 -5.65 5.50
N PRO A 22 -1.37 -6.95 5.26
CA PRO A 22 -0.75 -7.89 6.22
C PRO A 22 0.77 -7.81 6.14
N CYS A 23 1.36 -8.44 5.16
CA CYS A 23 2.84 -8.40 5.04
C CYS A 23 3.26 -7.52 3.86
N CYS A 1 8.40 0.00 -8.65
CA CYS A 1 7.93 -1.04 -7.70
C CYS A 1 9.08 -2.00 -7.35
N ALA A 2 9.59 -1.92 -6.15
CA ALA A 2 10.71 -2.81 -5.76
C ALA A 2 11.05 -2.61 -4.28
N GLU A 3 10.33 -3.25 -3.40
CA GLU A 3 10.62 -3.09 -1.95
C GLU A 3 10.73 -1.61 -1.59
N PRO A 4 9.70 -0.88 -1.91
CA PRO A 4 9.66 0.57 -1.62
C PRO A 4 9.43 0.81 -0.13
N MET A 5 10.42 1.31 0.57
CA MET A 5 10.25 1.56 2.03
C MET A 5 9.50 2.87 2.26
N THR A 6 8.37 3.04 1.64
CA THR A 6 7.59 4.30 1.85
C THR A 6 6.14 3.97 2.21
N LEU A 7 5.69 4.43 3.34
CA LEU A 7 4.29 4.14 3.76
C LEU A 7 3.33 5.21 3.21
N PRO A 8 3.67 6.46 3.43
CA PRO A 8 2.82 7.58 2.96
C PRO A 8 3.01 7.81 1.45
N GLU A 9 2.53 6.91 0.64
CA GLU A 9 2.65 7.06 -0.82
C GLU A 9 1.68 6.10 -1.51
N ASN A 10 0.46 6.51 -1.71
CA ASN A 10 -0.54 5.60 -2.34
C ASN A 10 -0.65 4.34 -1.50
N TYR A 11 -0.78 4.48 -0.22
CA TYR A 11 -0.89 3.30 0.67
C TYR A 11 -2.26 3.25 1.34
N PHE A 12 -2.82 4.39 1.64
CA PHE A 12 -4.16 4.41 2.29
C PHE A 12 -5.20 5.02 1.37
N SER A 13 -6.40 4.50 1.36
CA SER A 13 -7.46 5.05 0.47
C SER A 13 -8.84 4.78 1.08
N GLU A 14 -9.86 4.81 0.27
CA GLU A 14 -11.23 4.53 0.79
C GLU A 14 -11.72 3.20 0.25
N ARG A 15 -10.83 2.27 0.13
CA ARG A 15 -11.19 0.91 -0.37
C ARG A 15 -10.45 -0.15 0.45
N PRO A 16 -10.85 -1.38 0.29
CA PRO A 16 -10.20 -2.48 1.04
C PRO A 16 -8.77 -2.68 0.53
N TYR A 17 -7.96 -1.65 0.64
CA TYR A 17 -6.55 -1.75 0.16
C TYR A 17 -6.52 -2.05 -1.34
N HIS A 18 -6.57 -1.03 -2.15
CA HIS A 18 -6.55 -1.23 -3.62
C HIS A 18 -5.12 -1.49 -4.13
N PRO A 19 -4.17 -0.78 -3.58
CA PRO A 19 -2.77 -0.95 -4.01
C PRO A 19 -2.17 -2.24 -3.42
N PRO A 20 -1.49 -2.97 -4.24
CA PRO A 20 -0.87 -4.25 -3.80
C PRO A 20 0.26 -3.99 -2.80
N PRO A 21 0.23 -4.72 -1.73
CA PRO A 21 1.26 -4.57 -0.69
C PRO A 21 2.63 -5.15 -1.11
N PRO A 22 2.65 -6.15 -1.99
CA PRO A 22 3.95 -6.71 -2.42
C PRO A 22 4.63 -5.76 -3.40
N CYS A 23 4.02 -5.49 -4.52
CA CYS A 23 4.64 -4.57 -5.51
C CYS A 23 4.45 -3.12 -5.07
#